data_3NA2
#
_entry.id   3NA2
#
_cell.length_a   76.367
_cell.length_b   115.047
_cell.length_c   73.596
_cell.angle_alpha   90.00
_cell.angle_beta   90.00
_cell.angle_gamma   90.00
#
_symmetry.space_group_name_H-M   'P 21 21 2'
#
loop_
_entity.id
_entity.type
_entity.pdbx_description
1 polymer 'Uncharacterized protein'
2 non-polymer 'ACETIC ACID'
3 non-polymer DI(HYDROXYETHYL)ETHER
4 water water
#
_entity_poly.entity_id   1
_entity_poly.type   'polypeptide(L)'
_entity_poly.pdbx_seq_one_letter_code
;(MSE)GSSHHHHHHSSGRENLYFQGHVEPGVTDRIGQ(MSE)ILE(MSE)FRTG(MSE)CLFSVRSPGGVAELYGGEARK
VEITGTSLTIEREDWHLHCKLETVETVVFDLSPKDNGGIR(MSE)AVVFRDKHQAPVLRAAWLPRL(MSE)PETPSPPEQ
FWAFTQRYIDLP(MSE)VVDARNRQLVFPGSGQGGFTEGS
;
_entity_poly.pdbx_strand_id   A,B,C,D
#
# COMPACT_ATOMS: atom_id res chain seq x y z
N PRO A 25 -16.39 3.80 16.89
CA PRO A 25 -15.49 3.57 18.04
C PRO A 25 -14.02 3.74 17.64
N GLY A 26 -13.36 2.64 17.31
CA GLY A 26 -12.05 2.71 16.69
C GLY A 26 -12.27 3.11 15.24
N VAL A 27 -13.45 2.76 14.74
CA VAL A 27 -13.85 3.18 13.41
C VAL A 27 -13.85 4.69 13.35
N THR A 28 -14.60 5.31 14.27
CA THR A 28 -14.66 6.76 14.36
C THR A 28 -13.26 7.40 14.37
N ASP A 29 -12.31 6.75 15.04
CA ASP A 29 -10.93 7.23 15.03
C ASP A 29 -10.32 7.19 13.62
N ARG A 30 -10.61 6.14 12.85
CA ARG A 30 -10.01 6.03 11.53
C ARG A 30 -10.62 7.01 10.53
N ILE A 31 -11.93 7.23 10.62
CA ILE A 31 -12.59 8.20 9.78
C ILE A 31 -11.93 9.55 10.01
N GLY A 32 -11.83 9.95 11.27
CA GLY A 32 -11.21 11.21 11.63
C GLY A 32 -9.77 11.27 11.15
N GLN A 33 -9.07 10.15 11.26
CA GLN A 33 -7.68 10.06 10.84
C GLN A 33 -7.59 10.28 9.33
N ILE A 35 -9.77 11.90 7.25
CA ILE A 35 -10.09 13.29 6.90
C ILE A 35 -8.87 14.16 7.12
N LEU A 36 -8.28 14.03 8.31
CA LEU A 36 -7.09 14.77 8.69
C LEU A 36 -5.90 14.54 7.77
N GLU A 37 -5.67 13.30 7.38
CA GLU A 37 -4.56 12.98 6.48
C GLU A 37 -4.79 13.58 5.10
N PHE A 39 -6.58 16.20 4.56
CA PHE A 39 -6.40 17.63 4.72
C PHE A 39 -4.92 17.99 4.68
N ARG A 40 -4.10 17.20 5.35
CA ARG A 40 -2.69 17.52 5.49
C ARG A 40 -1.88 17.37 4.20
N THR A 41 -2.39 16.58 3.25
CA THR A 41 -1.74 16.47 1.95
C THR A 41 -1.80 17.81 1.26
N GLY A 42 -2.87 18.56 1.55
CA GLY A 42 -3.07 19.87 0.97
C GLY A 42 -3.53 19.82 -0.48
N CYS A 44 -6.49 18.62 -1.56
CA CYS A 44 -7.91 18.33 -1.58
C CYS A 44 -8.79 19.55 -1.48
N LEU A 45 -9.99 19.41 -2.02
CA LEU A 45 -11.02 20.39 -1.84
C LEU A 45 -12.10 19.76 -0.98
N PHE A 46 -12.32 20.30 0.21
CA PHE A 46 -13.40 19.78 1.05
C PHE A 46 -14.66 20.59 0.77
N SER A 47 -15.79 19.90 0.68
CA SER A 47 -17.02 20.64 0.45
C SER A 47 -18.11 20.19 1.39
N VAL A 48 -18.88 21.15 1.88
CA VAL A 48 -20.03 20.90 2.73
C VAL A 48 -21.26 21.51 2.07
N ARG A 49 -22.35 20.74 2.03
CA ARG A 49 -23.47 21.06 1.18
C ARG A 49 -24.77 21.15 1.95
N SER A 50 -25.35 22.34 1.97
CA SER A 50 -26.70 22.54 2.49
C SER A 50 -27.69 22.35 1.34
N PRO A 51 -29.00 22.41 1.64
CA PRO A 51 -30.04 22.24 0.62
C PRO A 51 -30.01 23.28 -0.51
N GLY A 52 -29.15 24.28 -0.41
CA GLY A 52 -29.10 25.32 -1.42
C GLY A 52 -27.81 26.10 -1.42
N GLY A 53 -26.81 25.55 -0.77
CA GLY A 53 -25.50 26.17 -0.73
C GLY A 53 -24.43 25.09 -0.64
N VAL A 54 -23.23 25.45 -1.04
CA VAL A 54 -22.08 24.58 -0.82
C VAL A 54 -20.88 25.45 -0.50
N ALA A 55 -20.13 25.04 0.51
CA ALA A 55 -18.88 25.68 0.83
C ALA A 55 -17.74 24.76 0.40
N GLU A 56 -16.68 25.35 -0.11
CA GLU A 56 -15.55 24.61 -0.64
C GLU A 56 -14.30 25.12 0.04
N LEU A 57 -13.54 24.21 0.63
CA LEU A 57 -12.49 24.60 1.55
C LEU A 57 -11.15 24.09 1.05
N TYR A 58 -10.15 24.95 1.05
CA TYR A 58 -8.85 24.61 0.48
C TYR A 58 -7.77 24.80 1.51
N GLY A 59 -6.65 24.10 1.33
CA GLY A 59 -5.48 24.28 2.18
C GLY A 59 -5.05 22.97 2.78
N GLY A 60 -3.85 22.95 3.36
CA GLY A 60 -3.28 21.75 3.94
C GLY A 60 -2.45 21.98 5.19
N GLU A 61 -2.66 23.13 5.82
CA GLU A 61 -2.04 23.44 7.10
C GLU A 61 -3.10 24.10 7.97
N ALA A 62 -3.36 23.53 9.13
CA ALA A 62 -4.32 24.14 10.05
C ALA A 62 -3.59 24.89 11.16
N ARG A 63 -4.26 25.86 11.76
CA ARG A 63 -3.74 26.52 12.96
C ARG A 63 -4.19 25.71 14.17
N LYS A 64 -5.31 25.00 14.01
CA LYS A 64 -5.89 24.28 15.12
C LYS A 64 -6.69 23.07 14.66
N VAL A 65 -6.36 21.90 15.21
CA VAL A 65 -7.15 20.71 14.99
C VAL A 65 -7.66 20.19 16.32
N GLU A 66 -8.89 19.67 16.33
CA GLU A 66 -9.54 19.30 17.58
C GLU A 66 -10.47 18.09 17.40
N ILE A 67 -10.33 17.11 18.30
CA ILE A 67 -11.20 15.95 18.33
C ILE A 67 -11.87 15.86 19.69
N THR A 68 -13.19 15.78 19.68
CA THR A 68 -14.00 15.78 20.91
C THR A 68 -15.03 14.66 20.78
N GLY A 69 -14.79 13.55 21.46
CA GLY A 69 -15.58 12.36 21.19
C GLY A 69 -15.63 12.09 19.69
N THR A 70 -16.82 12.22 19.09
CA THR A 70 -16.99 11.93 17.67
C THR A 70 -17.04 13.18 16.77
N SER A 71 -16.54 14.29 17.29
CA SER A 71 -16.50 15.54 16.54
C SER A 71 -15.07 15.82 16.15
N LEU A 72 -14.89 16.29 14.92
CA LEU A 72 -13.58 16.69 14.47
C LEU A 72 -13.70 18.15 14.09
N THR A 73 -12.69 18.94 14.37
CA THR A 73 -12.69 20.34 14.00
C THR A 73 -11.35 20.66 13.37
N ILE A 74 -11.41 21.32 12.23
CA ILE A 74 -10.23 21.82 11.56
C ILE A 74 -10.39 23.31 11.31
N GLU A 75 -9.44 24.10 11.82
CA GLU A 75 -9.49 25.56 11.69
C GLU A 75 -8.29 26.11 10.93
N ARG A 76 -8.57 26.87 9.86
CA ARG A 76 -7.55 27.69 9.24
C ARG A 76 -7.87 29.13 9.61
N GLU A 77 -7.02 30.06 9.19
CA GLU A 77 -7.24 31.46 9.53
C GLU A 77 -8.60 32.02 9.11
N ASP A 78 -9.10 31.66 7.93
CA ASP A 78 -10.40 32.20 7.56
C ASP A 78 -11.50 31.17 7.26
N TRP A 79 -11.32 29.95 7.74
CA TRP A 79 -12.42 28.98 7.72
C TRP A 79 -12.24 27.86 8.73
N HIS A 80 -13.37 27.40 9.28
CA HIS A 80 -13.40 26.28 10.17
C HIS A 80 -14.31 25.20 9.60
N LEU A 81 -13.92 23.95 9.77
CA LEU A 81 -14.78 22.83 9.42
C LEU A 81 -15.06 22.00 10.67
N HIS A 82 -16.33 21.65 10.88
CA HIS A 82 -16.74 20.77 11.96
C HIS A 82 -17.45 19.57 11.34
N CYS A 83 -17.10 18.37 11.77
N CYS A 83 -17.09 18.38 11.79
CA CYS A 83 -17.76 17.17 11.24
CA CYS A 83 -17.71 17.15 11.31
C CYS A 83 -18.18 16.24 12.35
C CYS A 83 -18.21 16.33 12.48
N LYS A 84 -19.47 15.92 12.42
CA LYS A 84 -20.01 15.00 13.40
C LYS A 84 -19.83 13.56 12.87
N LEU A 85 -18.64 13.01 13.09
CA LEU A 85 -18.27 11.68 12.62
C LEU A 85 -19.30 10.59 12.88
N GLU A 86 -20.09 10.72 13.94
CA GLU A 86 -21.12 9.74 14.26
C GLU A 86 -22.19 9.59 13.17
N THR A 87 -22.34 10.63 12.36
CA THR A 87 -23.35 10.62 11.32
C THR A 87 -22.84 9.95 10.06
N VAL A 88 -21.57 9.57 10.04
CA VAL A 88 -21.00 8.92 8.86
C VAL A 88 -21.35 7.43 8.85
N GLU A 89 -22.19 7.04 7.90
CA GLU A 89 -22.60 5.65 7.74
C GLU A 89 -21.75 4.91 6.70
N THR A 90 -21.43 5.56 5.59
CA THR A 90 -20.63 4.94 4.55
C THR A 90 -19.69 5.95 3.94
N VAL A 91 -18.51 5.49 3.54
CA VAL A 91 -17.54 6.34 2.89
C VAL A 91 -17.31 5.82 1.49
N VAL A 92 -17.71 6.60 0.50
CA VAL A 92 -17.55 6.19 -0.89
C VAL A 92 -16.22 6.65 -1.49
N PHE A 93 -15.43 5.71 -1.99
CA PHE A 93 -14.23 6.07 -2.72
C PHE A 93 -14.60 6.05 -4.20
N ASP A 94 -14.48 7.20 -4.84
CA ASP A 94 -14.89 7.28 -6.23
C ASP A 94 -13.72 7.68 -7.10
N LEU A 95 -13.33 6.77 -7.99
CA LEU A 95 -12.36 7.08 -9.03
C LEU A 95 -12.99 6.66 -10.36
N SER A 96 -13.19 7.61 -11.25
CA SER A 96 -13.98 7.37 -12.43
C SER A 96 -13.88 8.57 -13.36
N PRO A 97 -14.12 8.34 -14.67
CA PRO A 97 -14.04 9.44 -15.64
C PRO A 97 -15.24 10.36 -15.54
N LYS A 98 -15.00 11.67 -15.67
CA LYS A 98 -16.07 12.63 -15.82
C LYS A 98 -16.52 12.72 -17.29
N ASP A 99 -17.74 13.21 -17.50
CA ASP A 99 -18.30 13.33 -18.85
C ASP A 99 -17.55 14.38 -19.66
N ASN A 100 -17.30 15.53 -19.04
CA ASN A 100 -16.56 16.61 -19.65
C ASN A 100 -15.15 16.20 -20.04
N GLY A 101 -14.81 14.95 -19.74
CA GLY A 101 -13.44 14.49 -19.92
C GLY A 101 -12.64 14.86 -18.70
N GLY A 102 -11.76 13.97 -18.27
CA GLY A 102 -11.04 14.16 -17.03
C GLY A 102 -11.41 13.07 -16.04
N ILE A 103 -10.72 13.02 -14.91
CA ILE A 103 -10.93 11.95 -13.97
C ILE A 103 -11.39 12.45 -12.62
N ARG A 104 -12.49 11.91 -12.13
CA ARG A 104 -12.99 12.24 -10.81
C ARG A 104 -12.31 11.40 -9.72
N ALA A 106 -12.75 11.40 -5.79
CA ALA A 106 -13.42 11.94 -4.62
C ALA A 106 -13.70 10.91 -3.52
N VAL A 107 -13.63 11.37 -2.27
CA VAL A 107 -14.10 10.62 -1.13
C VAL A 107 -15.39 11.24 -0.58
N VAL A 108 -16.46 10.46 -0.50
CA VAL A 108 -17.75 10.98 -0.08
C VAL A 108 -18.23 10.30 1.20
N PHE A 109 -18.38 11.09 2.26
CA PHE A 109 -18.91 10.60 3.52
C PHE A 109 -20.42 10.79 3.54
N ARG A 110 -21.16 9.70 3.67
CA ARG A 110 -22.61 9.77 3.59
C ARG A 110 -23.29 9.29 4.86
N ASP A 111 -24.44 9.87 5.17
CA ASP A 111 -25.20 9.46 6.35
C ASP A 111 -26.13 8.30 6.01
N LYS A 112 -26.98 7.92 6.96
CA LYS A 112 -27.88 6.77 6.76
C LYS A 112 -28.82 6.93 5.56
N HIS A 113 -29.04 8.15 5.12
CA HIS A 113 -29.95 8.39 4.00
C HIS A 113 -29.20 8.63 2.71
N GLN A 114 -27.89 8.41 2.73
CA GLN A 114 -27.05 8.66 1.56
C GLN A 114 -26.85 10.16 1.30
N ALA A 115 -27.33 10.99 2.21
CA ALA A 115 -26.99 12.41 2.17
C ALA A 115 -25.50 12.57 2.38
N PRO A 116 -24.85 13.34 1.50
CA PRO A 116 -23.43 13.63 1.71
C PRO A 116 -23.27 14.56 2.90
N VAL A 117 -22.43 14.20 3.86
CA VAL A 117 -22.21 15.08 5.01
C VAL A 117 -20.93 15.86 4.79
N LEU A 118 -20.05 15.32 3.96
CA LEU A 118 -18.76 15.94 3.65
C LEU A 118 -18.25 15.31 2.36
N ARG A 119 -17.47 16.06 1.58
CA ARG A 119 -16.83 15.50 0.38
C ARG A 119 -15.40 15.99 0.29
N ALA A 120 -14.47 15.08 0.02
CA ALA A 120 -13.10 15.48 -0.25
C ALA A 120 -12.78 15.16 -1.70
N ALA A 121 -12.61 16.19 -2.51
CA ALA A 121 -12.21 15.99 -3.89
C ALA A 121 -10.71 16.22 -4.04
N TRP A 122 -10.05 15.34 -4.78
CA TRP A 122 -8.63 15.49 -5.07
C TRP A 122 -8.44 16.24 -6.39
N LEU A 123 -7.40 17.08 -6.46
CA LEU A 123 -7.25 18.02 -7.56
C LEU A 123 -5.89 17.91 -8.22
N PRO A 124 -5.86 17.41 -9.46
CA PRO A 124 -4.57 17.23 -10.14
C PRO A 124 -3.70 18.50 -10.08
N ARG A 125 -4.31 19.68 -10.23
CA ARG A 125 -3.53 20.91 -10.22
C ARG A 125 -2.72 21.10 -8.92
N LEU A 126 -3.19 20.48 -7.84
CA LEU A 126 -2.54 20.59 -6.54
C LEU A 126 -1.69 19.37 -6.22
N PRO A 128 1.46 16.39 -7.45
CA PRO A 128 2.63 16.10 -8.28
C PRO A 128 2.22 15.58 -9.66
N GLU A 129 3.10 15.72 -10.64
CA GLU A 129 2.80 15.31 -12.00
C GLU A 129 3.07 13.82 -12.16
N THR A 130 3.75 13.25 -11.17
CA THR A 130 4.08 11.83 -11.16
C THR A 130 4.23 11.36 -9.73
N PRO A 131 3.78 10.14 -9.43
CA PRO A 131 3.04 9.28 -10.36
C PRO A 131 1.70 9.90 -10.70
N SER A 132 0.95 9.28 -11.60
CA SER A 132 -0.32 9.84 -12.04
C SER A 132 -1.26 10.10 -10.87
N PRO A 133 -2.05 11.18 -10.96
CA PRO A 133 -3.04 11.43 -9.90
C PRO A 133 -3.81 10.16 -9.55
N PRO A 134 -4.36 9.45 -10.56
CA PRO A 134 -5.07 8.20 -10.25
C PRO A 134 -4.24 7.22 -9.41
N GLU A 135 -2.93 7.14 -9.65
CA GLU A 135 -2.11 6.20 -8.86
C GLU A 135 -1.97 6.63 -7.40
N GLN A 136 -1.72 7.93 -7.19
CA GLN A 136 -1.60 8.51 -5.85
C GLN A 136 -2.88 8.32 -5.04
N PHE A 137 -4.00 8.59 -5.69
CA PHE A 137 -5.30 8.46 -5.08
C PHE A 137 -5.56 7.01 -4.70
N TRP A 138 -5.21 6.10 -5.61
CA TRP A 138 -5.35 4.65 -5.35
C TRP A 138 -4.56 4.22 -4.12
N ALA A 139 -3.28 4.57 -4.09
CA ALA A 139 -2.41 4.18 -2.98
C ALA A 139 -2.91 4.68 -1.63
N PHE A 140 -3.33 5.94 -1.58
CA PHE A 140 -3.89 6.48 -0.35
C PHE A 140 -5.15 5.73 0.09
N THR A 141 -6.14 5.65 -0.79
CA THR A 141 -7.39 5.02 -0.39
C THR A 141 -7.23 3.53 -0.09
N GLN A 142 -6.24 2.88 -0.72
CA GLN A 142 -6.07 1.43 -0.55
C GLN A 142 -5.87 1.10 0.92
N ARG A 143 -5.17 2.00 1.61
CA ARG A 143 -4.89 1.91 3.03
C ARG A 143 -6.14 1.86 3.92
N TYR A 144 -7.30 2.16 3.34
CA TYR A 144 -8.53 2.30 4.12
C TYR A 144 -9.60 1.33 3.66
N ILE A 145 -9.29 0.61 2.59
CA ILE A 145 -10.23 -0.31 1.94
C ILE A 145 -10.78 -1.40 2.87
N ASP A 146 -10.02 -1.74 3.91
CA ASP A 146 -10.43 -2.79 4.83
C ASP A 146 -11.50 -2.32 5.82
N LEU A 147 -11.76 -1.02 5.85
CA LEU A 147 -12.84 -0.50 6.68
C LEU A 147 -14.17 -1.06 6.21
N PRO A 148 -14.93 -1.63 7.15
CA PRO A 148 -16.21 -2.24 6.76
C PRO A 148 -17.18 -1.26 6.12
N VAL A 150 -16.45 1.44 4.28
CA VAL A 150 -16.00 1.91 2.97
C VAL A 150 -16.68 1.16 1.82
N VAL A 151 -17.12 1.92 0.82
CA VAL A 151 -17.67 1.40 -0.44
C VAL A 151 -16.70 1.71 -1.58
N ASP A 152 -16.11 0.66 -2.16
CA ASP A 152 -15.07 0.83 -3.16
C ASP A 152 -15.67 0.95 -4.53
N ALA A 153 -15.83 2.20 -4.99
CA ALA A 153 -16.31 2.48 -6.32
C ALA A 153 -15.19 3.07 -7.18
N ARG A 154 -13.97 2.59 -6.97
CA ARG A 154 -12.85 3.05 -7.79
C ARG A 154 -12.69 2.12 -8.97
N ASN A 155 -12.48 2.68 -10.16
N ASN A 155 -12.52 2.67 -10.17
CA ASN A 155 -12.27 1.86 -11.34
CA ASN A 155 -12.27 1.83 -11.34
C ASN A 155 -10.79 1.49 -11.52
C ASN A 155 -10.78 1.50 -11.47
N ARG A 156 -10.47 0.23 -11.31
CA ARG A 156 -9.08 -0.21 -11.30
C ARG A 156 -8.39 0.03 -12.64
N GLN A 157 -9.16 0.05 -13.72
CA GLN A 157 -8.57 0.22 -15.04
C GLN A 157 -7.78 1.51 -15.17
N LEU A 158 -8.22 2.56 -14.48
CA LEU A 158 -7.56 3.86 -14.60
C LEU A 158 -6.20 3.91 -13.94
N VAL A 159 -5.88 2.88 -13.16
CA VAL A 159 -4.57 2.79 -12.51
C VAL A 159 -3.75 1.66 -13.12
N PHE A 160 -4.37 0.50 -13.24
CA PHE A 160 -3.73 -0.67 -13.83
C PHE A 160 -4.39 -1.04 -15.15
N PRO A 161 -3.94 -0.41 -16.24
CA PRO A 161 -4.42 -0.81 -17.57
C PRO A 161 -4.28 -2.32 -17.77
N GLY A 162 -5.41 -3.01 -17.94
CA GLY A 162 -5.41 -4.45 -18.08
C GLY A 162 -6.75 -5.00 -18.52
N PRO B 25 20.18 -10.72 -16.72
CA PRO B 25 19.93 -11.29 -15.39
C PRO B 25 18.68 -10.69 -14.75
N GLY B 26 18.86 -9.83 -13.75
CA GLY B 26 17.76 -9.13 -13.13
C GLY B 26 17.14 -8.15 -14.11
N VAL B 27 17.97 -7.64 -15.03
CA VAL B 27 17.49 -6.82 -16.12
C VAL B 27 16.58 -7.64 -17.01
N THR B 28 17.06 -8.83 -17.39
CA THR B 28 16.28 -9.76 -18.18
C THR B 28 14.93 -10.04 -17.54
N ASP B 29 14.92 -10.12 -16.22
CA ASP B 29 13.67 -10.24 -15.48
C ASP B 29 12.79 -9.05 -15.75
N ARG B 30 13.33 -7.86 -15.51
CA ARG B 30 12.60 -6.61 -15.67
C ARG B 30 12.08 -6.48 -17.11
N ILE B 31 12.97 -6.68 -18.07
CA ILE B 31 12.60 -6.64 -19.49
C ILE B 31 11.39 -7.52 -19.75
N GLY B 32 11.44 -8.77 -19.27
CA GLY B 32 10.36 -9.71 -19.49
C GLY B 32 9.08 -9.20 -18.88
N GLN B 33 9.20 -8.70 -17.66
CA GLN B 33 8.08 -8.11 -16.93
C GLN B 33 7.49 -6.91 -17.71
N ILE B 35 7.55 -6.36 -20.90
CA ILE B 35 6.88 -6.87 -22.09
C ILE B 35 5.54 -7.51 -21.75
N LEU B 36 5.51 -8.28 -20.69
CA LEU B 36 4.28 -8.91 -20.23
C LEU B 36 3.25 -7.86 -19.80
N GLU B 37 3.73 -6.80 -19.17
CA GLU B 37 2.82 -5.76 -18.70
C GLU B 37 2.19 -5.08 -19.91
N PHE B 39 1.92 -6.15 -22.96
CA PHE B 39 1.03 -7.07 -23.65
C PHE B 39 -0.37 -7.06 -23.02
N ARG B 40 -0.42 -7.30 -21.72
CA ARG B 40 -1.70 -7.48 -21.04
C ARG B 40 -2.62 -6.27 -21.06
N THR B 41 -2.08 -5.08 -21.28
CA THR B 41 -2.94 -3.88 -21.38
C THR B 41 -3.84 -3.97 -22.60
N GLY B 42 -3.38 -4.69 -23.62
CA GLY B 42 -4.12 -4.83 -24.87
C GLY B 42 -4.06 -3.59 -25.76
N CYS B 44 -1.27 -2.41 -27.13
CA CYS B 44 -0.03 -2.41 -27.89
C CYS B 44 -0.07 -3.19 -29.19
N LEU B 45 0.74 -2.75 -30.14
CA LEU B 45 1.02 -3.49 -31.35
C LEU B 45 2.45 -4.00 -31.28
N PHE B 46 2.63 -5.32 -31.18
CA PHE B 46 3.97 -5.90 -31.14
C PHE B 46 4.44 -6.25 -32.55
N SER B 47 5.67 -5.88 -32.87
CA SER B 47 6.16 -6.16 -34.21
C SER B 47 7.56 -6.77 -34.22
N VAL B 48 7.72 -7.78 -35.07
CA VAL B 48 8.98 -8.51 -35.22
C VAL B 48 9.45 -8.38 -36.65
N ARG B 49 10.68 -7.93 -36.83
CA ARG B 49 11.15 -7.58 -38.17
C ARG B 49 12.33 -8.44 -38.60
N SER B 50 12.17 -9.14 -39.71
CA SER B 50 13.25 -9.80 -40.42
C SER B 50 13.72 -8.87 -41.54
N PRO B 51 14.82 -9.22 -42.21
CA PRO B 51 15.38 -8.45 -43.33
C PRO B 51 14.44 -8.22 -44.52
N GLY B 52 13.32 -8.90 -44.60
CA GLY B 52 12.42 -8.71 -45.71
C GLY B 52 10.95 -8.76 -45.32
N GLY B 53 10.67 -8.93 -44.04
CA GLY B 53 9.30 -8.98 -43.58
C GLY B 53 9.16 -8.45 -42.16
N VAL B 54 7.93 -8.09 -41.81
CA VAL B 54 7.60 -7.79 -40.43
C VAL B 54 6.24 -8.38 -40.06
N ALA B 55 6.16 -8.91 -38.84
CA ALA B 55 4.93 -9.45 -38.28
C ALA B 55 4.37 -8.49 -37.24
N GLU B 56 3.08 -8.20 -37.32
CA GLU B 56 2.41 -7.34 -36.37
C GLU B 56 1.37 -8.10 -35.55
N LEU B 57 1.51 -8.05 -34.24
CA LEU B 57 0.70 -8.87 -33.36
C LEU B 57 -0.17 -8.01 -32.43
N TYR B 58 -1.47 -8.30 -32.40
CA TYR B 58 -2.37 -7.58 -31.50
C TYR B 58 -2.99 -8.52 -30.47
N GLY B 59 -3.40 -7.95 -29.33
CA GLY B 59 -4.04 -8.72 -28.29
C GLY B 59 -3.62 -8.30 -26.91
N GLY B 60 -4.44 -8.60 -25.92
CA GLY B 60 -4.08 -8.39 -24.52
C GLY B 60 -4.43 -9.58 -23.65
N GLU B 61 -4.75 -10.71 -24.29
CA GLU B 61 -5.17 -11.92 -23.57
C GLU B 61 -4.46 -13.15 -24.13
N ALA B 62 -3.64 -13.78 -23.29
CA ALA B 62 -2.83 -14.93 -23.70
C ALA B 62 -3.46 -16.26 -23.36
N ARG B 63 -3.33 -17.23 -24.26
CA ARG B 63 -3.65 -18.62 -23.94
C ARG B 63 -2.53 -19.19 -23.07
N LYS B 64 -1.33 -18.64 -23.22
CA LYS B 64 -0.17 -19.17 -22.53
C LYS B 64 0.96 -18.13 -22.49
N VAL B 65 1.51 -17.94 -21.31
CA VAL B 65 2.70 -17.11 -21.15
C VAL B 65 3.73 -17.93 -20.41
N GLU B 66 5.00 -17.74 -20.74
CA GLU B 66 6.05 -18.57 -20.20
C GLU B 66 7.38 -17.81 -20.23
N ILE B 67 8.09 -17.87 -19.11
CA ILE B 67 9.43 -17.32 -19.02
C ILE B 67 10.37 -18.42 -18.59
N THR B 68 11.04 -19.02 -19.57
CA THR B 68 11.97 -20.10 -19.31
C THR B 68 13.39 -19.59 -19.48
N GLY B 69 14.07 -19.43 -18.36
CA GLY B 69 15.40 -18.89 -18.36
C GLY B 69 15.36 -17.44 -18.78
N THR B 70 15.94 -17.18 -19.94
CA THR B 70 16.01 -15.83 -20.48
C THR B 70 15.14 -15.72 -21.73
N SER B 71 14.26 -16.69 -21.93
CA SER B 71 13.37 -16.71 -23.07
C SER B 71 11.97 -16.36 -22.66
N LEU B 72 11.36 -15.40 -23.35
CA LEU B 72 9.96 -15.08 -23.13
C LEU B 72 9.10 -15.65 -24.25
N THR B 73 7.97 -16.23 -23.88
CA THR B 73 7.01 -16.75 -24.84
C THR B 73 5.58 -16.31 -24.50
N ILE B 74 4.92 -15.67 -25.46
CA ILE B 74 3.51 -15.34 -25.38
C ILE B 74 2.75 -16.03 -26.50
N GLU B 75 1.69 -16.75 -26.15
CA GLU B 75 0.90 -17.50 -27.12
C GLU B 75 -0.56 -17.11 -27.11
N ARG B 76 -1.04 -16.60 -28.24
CA ARG B 76 -2.49 -16.47 -28.46
C ARG B 76 -2.94 -17.63 -29.35
N GLU B 77 -4.23 -17.74 -29.58
CA GLU B 77 -4.75 -18.86 -30.35
C GLU B 77 -4.07 -18.96 -31.71
N ASP B 78 -3.88 -17.83 -32.39
CA ASP B 78 -3.35 -17.85 -33.75
C ASP B 78 -2.03 -17.10 -33.95
N TRP B 79 -1.38 -16.70 -32.87
CA TRP B 79 0.00 -16.24 -32.99
C TRP B 79 0.82 -16.50 -31.75
N HIS B 80 2.11 -16.73 -31.95
CA HIS B 80 3.02 -16.91 -30.84
C HIS B 80 4.16 -15.95 -31.04
N LEU B 81 4.66 -15.43 -29.94
CA LEU B 81 5.82 -14.55 -29.96
C LEU B 81 6.87 -15.20 -29.08
N HIS B 82 8.08 -15.31 -29.60
CA HIS B 82 9.18 -15.81 -28.78
C HIS B 82 10.26 -14.76 -28.77
N CYS B 83 10.77 -14.46 -27.60
CA CYS B 83 11.79 -13.45 -27.52
C CYS B 83 12.97 -13.99 -26.70
N LYS B 84 14.18 -13.76 -27.19
CA LYS B 84 15.36 -14.08 -26.44
C LYS B 84 15.86 -12.84 -25.70
N LEU B 85 15.41 -12.70 -24.46
CA LEU B 85 15.65 -11.49 -23.67
C LEU B 85 17.12 -11.16 -23.48
N GLU B 86 17.98 -12.17 -23.53
CA GLU B 86 19.41 -11.95 -23.29
C GLU B 86 20.08 -11.15 -24.42
N THR B 87 19.48 -11.18 -25.62
CA THR B 87 20.02 -10.43 -26.76
C THR B 87 19.77 -8.92 -26.63
N VAL B 88 18.84 -8.54 -25.76
CA VAL B 88 18.48 -7.14 -25.64
C VAL B 88 19.57 -6.32 -24.95
N GLU B 89 20.01 -5.26 -25.63
CA GLU B 89 21.08 -4.42 -25.12
C GLU B 89 20.55 -3.06 -24.72
N THR B 90 19.68 -2.48 -25.56
CA THR B 90 19.07 -1.20 -25.26
C THR B 90 17.55 -1.21 -25.38
N VAL B 91 16.88 -0.40 -24.58
CA VAL B 91 15.44 -0.24 -24.65
C VAL B 91 15.15 1.23 -24.86
N VAL B 92 14.47 1.55 -25.95
CA VAL B 92 14.20 2.93 -26.29
C VAL B 92 12.75 3.28 -25.99
N PHE B 93 12.54 4.37 -25.25
CA PHE B 93 11.19 4.86 -24.99
C PHE B 93 10.92 6.03 -25.93
N ASP B 94 10.21 5.78 -27.02
CA ASP B 94 9.94 6.85 -27.96
C ASP B 94 8.56 7.48 -27.74
N LEU B 95 8.52 8.80 -27.88
CA LEU B 95 7.30 9.59 -27.86
C LEU B 95 7.55 10.86 -28.64
N SER B 96 7.19 10.83 -29.92
CA SER B 96 7.44 11.94 -30.83
C SER B 96 6.24 12.12 -31.74
N PRO B 97 6.22 13.20 -32.53
CA PRO B 97 5.15 13.38 -33.52
C PRO B 97 5.45 12.71 -34.86
N ILE B 103 1.39 11.65 -33.12
CA ILE B 103 2.28 11.25 -32.03
C ILE B 103 2.48 9.73 -31.94
N ARG B 104 3.72 9.29 -32.09
CA ARG B 104 4.04 7.88 -31.93
C ARG B 104 4.52 7.60 -30.51
N ALA B 106 6.21 4.47 -28.77
CA ALA B 106 6.79 3.15 -28.96
C ALA B 106 7.89 2.82 -27.97
N VAL B 107 7.98 1.54 -27.63
CA VAL B 107 9.11 1.00 -26.88
C VAL B 107 9.85 0.04 -27.79
N VAL B 108 11.16 0.22 -27.91
CA VAL B 108 11.93 -0.52 -28.91
C VAL B 108 13.10 -1.25 -28.25
N PHE B 109 13.10 -2.56 -28.41
CA PHE B 109 14.15 -3.39 -27.84
C PHE B 109 15.22 -3.64 -28.89
N ARG B 110 16.45 -3.24 -28.57
CA ARG B 110 17.53 -3.29 -29.55
C ARG B 110 18.64 -4.30 -29.27
N ASP B 111 19.18 -4.83 -30.36
CA ASP B 111 20.26 -5.79 -30.40
C ASP B 111 21.53 -5.18 -29.81
N LYS B 112 22.61 -5.95 -29.81
CA LYS B 112 23.92 -5.41 -29.47
C LYS B 112 24.49 -4.64 -30.67
N HIS B 113 23.95 -4.88 -31.86
CA HIS B 113 24.33 -4.13 -33.04
C HIS B 113 23.27 -3.09 -33.37
N GLN B 114 22.39 -2.83 -32.40
CA GLN B 114 21.36 -1.81 -32.53
C GLN B 114 20.18 -2.24 -33.40
N ALA B 115 20.17 -3.50 -33.82
CA ALA B 115 19.06 -4.00 -34.61
C ALA B 115 17.86 -4.22 -33.70
N PRO B 116 16.66 -3.84 -34.16
CA PRO B 116 15.48 -4.07 -33.33
C PRO B 116 15.12 -5.55 -33.26
N VAL B 117 15.15 -6.12 -32.06
CA VAL B 117 14.67 -7.48 -31.89
C VAL B 117 13.16 -7.48 -31.69
N LEU B 118 12.62 -6.39 -31.15
CA LEU B 118 11.20 -6.29 -30.90
C LEU B 118 10.76 -4.84 -30.68
N ARG B 119 9.53 -4.54 -31.08
CA ARG B 119 8.98 -3.20 -30.97
C ARG B 119 7.57 -3.28 -30.44
N ALA B 120 7.28 -2.46 -29.42
CA ALA B 120 5.93 -2.34 -28.89
C ALA B 120 5.43 -0.92 -29.13
N ALA B 121 4.42 -0.80 -29.98
CA ALA B 121 3.83 0.49 -30.28
C ALA B 121 2.42 0.61 -29.67
N TRP B 122 2.21 1.67 -28.88
CA TRP B 122 0.90 1.94 -28.29
C TRP B 122 0.01 2.68 -29.29
N LEU B 123 -1.26 2.29 -29.36
CA LEU B 123 -2.17 2.83 -30.37
C LEU B 123 -3.40 3.46 -29.75
N PRO B 124 -3.61 4.76 -30.00
CA PRO B 124 -4.72 5.49 -29.40
C PRO B 124 -6.07 4.87 -29.72
N ARG B 125 -6.19 4.26 -30.89
N ARG B 125 -6.19 4.24 -30.89
CA ARG B 125 -7.44 3.59 -31.25
CA ARG B 125 -7.44 3.59 -31.26
C ARG B 125 -7.74 2.45 -30.29
C ARG B 125 -7.73 2.39 -30.35
N LEU B 126 -6.70 1.92 -29.65
CA LEU B 126 -6.85 0.80 -28.74
C LEU B 126 -6.86 1.28 -27.28
N PRO B 128 -8.41 3.97 -24.23
CA PRO B 128 -9.48 4.84 -23.72
C PRO B 128 -9.20 6.33 -23.98
N GLU B 129 -10.26 7.11 -24.15
CA GLU B 129 -10.14 8.54 -24.40
C GLU B 129 -9.55 9.27 -23.19
N THR B 130 -9.96 8.89 -21.99
CA THR B 130 -9.46 9.50 -20.77
C THR B 130 -8.78 8.45 -19.86
N PRO B 131 -7.55 8.75 -19.41
CA PRO B 131 -6.76 9.97 -19.63
C PRO B 131 -6.25 10.06 -21.05
N SER B 132 -5.38 11.01 -21.34
CA SER B 132 -4.87 11.17 -22.70
C SER B 132 -3.84 10.08 -23.00
N PRO B 133 -3.84 9.58 -24.24
CA PRO B 133 -2.94 8.50 -24.64
C PRO B 133 -1.48 8.76 -24.23
N PRO B 134 -0.97 9.98 -24.48
CA PRO B 134 0.42 10.26 -24.07
C PRO B 134 0.60 10.24 -22.54
N GLU B 135 -0.45 10.56 -21.79
CA GLU B 135 -0.40 10.51 -20.32
C GLU B 135 -0.29 9.07 -19.85
N GLN B 136 -1.11 8.20 -20.43
CA GLN B 136 -1.09 6.78 -20.12
C GLN B 136 0.29 6.20 -20.38
N PHE B 137 0.87 6.55 -21.53
CA PHE B 137 2.16 6.03 -21.95
C PHE B 137 3.29 6.59 -21.10
N TRP B 138 3.21 7.87 -20.78
CA TRP B 138 4.14 8.47 -19.83
C TRP B 138 4.06 7.75 -18.47
N ALA B 139 2.86 7.65 -17.91
CA ALA B 139 2.67 6.98 -16.64
C ALA B 139 3.30 5.59 -16.63
N PHE B 140 3.17 4.86 -17.73
CA PHE B 140 3.76 3.51 -17.81
C PHE B 140 5.28 3.56 -17.86
N THR B 141 5.81 4.28 -18.84
CA THR B 141 7.26 4.41 -19.01
C THR B 141 7.94 4.94 -17.75
N GLN B 142 7.23 5.73 -16.97
CA GLN B 142 7.78 6.32 -15.76
C GLN B 142 8.20 5.26 -14.75
N ARG B 143 7.38 4.22 -14.60
CA ARG B 143 7.71 3.06 -13.78
C ARG B 143 9.04 2.42 -14.16
N TYR B 144 9.51 2.67 -15.38
CA TYR B 144 10.63 1.89 -15.93
C TYR B 144 11.90 2.68 -16.27
N ILE B 145 11.83 4.01 -16.29
CA ILE B 145 13.01 4.80 -16.66
C ILE B 145 14.22 4.50 -15.77
N ASP B 146 13.97 3.83 -14.65
CA ASP B 146 15.02 3.43 -13.71
C ASP B 146 16.12 2.66 -14.42
N LEU B 147 15.72 1.67 -15.21
CA LEU B 147 16.63 0.76 -15.91
C LEU B 147 17.79 1.46 -16.62
N PRO B 148 19.01 0.98 -16.38
CA PRO B 148 20.26 1.52 -16.93
C PRO B 148 20.30 1.50 -18.45
N VAL B 150 17.80 1.45 -20.48
CA VAL B 150 16.74 2.28 -21.04
C VAL B 150 17.33 3.57 -21.60
N VAL B 151 16.74 4.07 -22.68
CA VAL B 151 17.18 5.32 -23.28
C VAL B 151 15.98 6.22 -23.48
N ASP B 152 15.91 7.29 -22.69
CA ASP B 152 14.75 8.16 -22.70
C ASP B 152 14.68 9.10 -23.92
N ALA B 153 13.80 8.78 -24.86
CA ALA B 153 13.57 9.66 -26.01
C ALA B 153 12.15 10.18 -25.97
N ARG B 154 11.62 10.35 -24.77
CA ARG B 154 10.25 10.82 -24.62
C ARG B 154 10.21 12.34 -24.60
N ASN B 155 9.49 12.93 -25.54
CA ASN B 155 9.28 14.37 -25.56
C ASN B 155 8.19 14.77 -24.57
N ARG B 156 8.61 15.10 -23.35
CA ARG B 156 7.65 15.36 -22.27
C ARG B 156 6.69 16.48 -22.61
N GLN B 157 7.15 17.45 -23.39
CA GLN B 157 6.32 18.58 -23.76
C GLN B 157 5.01 18.15 -24.40
N LEU B 158 5.01 16.96 -25.02
CA LEU B 158 3.83 16.43 -25.70
C LEU B 158 2.79 15.84 -24.75
N VAL B 159 3.24 15.44 -23.55
CA VAL B 159 2.34 14.87 -22.57
C VAL B 159 1.62 15.96 -21.78
N PHE B 160 2.33 17.04 -21.48
CA PHE B 160 1.75 18.13 -20.70
C PHE B 160 1.74 19.43 -21.51
N GLY C 26 5.79 19.23 9.83
CA GLY C 26 6.42 18.10 9.17
C GLY C 26 6.89 17.04 10.14
N VAL C 27 8.10 17.19 10.64
CA VAL C 27 8.63 16.27 11.65
C VAL C 27 7.75 16.32 12.89
N THR C 28 7.40 17.54 13.30
CA THR C 28 6.51 17.76 14.44
C THR C 28 5.22 16.96 14.35
N ASP C 29 4.57 17.01 13.18
CA ASP C 29 3.27 16.37 13.01
C ASP C 29 3.32 14.87 13.20
N ARG C 30 4.48 14.27 12.97
CA ARG C 30 4.67 12.83 13.18
C ARG C 30 4.83 12.54 14.67
N ILE C 31 5.73 13.28 15.31
CA ILE C 31 5.95 13.15 16.74
C ILE C 31 4.63 13.18 17.50
N GLY C 32 3.78 14.14 17.16
CA GLY C 32 2.48 14.26 17.80
C GLY C 32 1.56 13.11 17.48
N GLN C 33 1.64 12.63 16.24
CA GLN C 33 0.82 11.49 15.84
C GLN C 33 1.22 10.25 16.65
N ILE C 35 2.60 10.09 19.63
CA ILE C 35 2.14 10.23 21.01
C ILE C 35 0.66 9.88 21.05
N LEU C 36 -0.08 10.34 20.06
N LEU C 36 -0.07 10.34 20.04
CA LEU C 36 -1.52 10.13 20.01
CA LEU C 36 -1.51 10.12 19.99
C LEU C 36 -1.90 8.65 19.87
C LEU C 36 -1.85 8.64 19.91
N GLU C 37 -1.18 7.93 19.02
CA GLU C 37 -1.44 6.51 18.82
C GLU C 37 -1.02 5.75 20.06
N PHE C 39 -0.96 6.79 22.90
CA PHE C 39 -1.99 7.05 23.91
C PHE C 39 -3.26 6.23 23.67
N ARG C 40 -3.80 6.29 22.46
CA ARG C 40 -5.05 5.61 22.12
C ARG C 40 -4.95 4.11 22.31
N THR C 41 -3.71 3.64 22.27
CA THR C 41 -3.38 2.26 22.56
C THR C 41 -3.90 1.78 23.93
N GLY C 42 -3.91 2.68 24.91
CA GLY C 42 -4.34 2.34 26.26
C GLY C 42 -3.33 1.49 27.05
N CYS C 44 -0.13 2.31 27.58
CA CYS C 44 1.01 3.11 28.03
C CYS C 44 0.77 3.96 29.26
N LEU C 45 1.86 4.20 29.97
CA LEU C 45 1.91 5.10 31.10
C LEU C 45 2.71 6.32 30.63
N PHE C 46 2.08 7.49 30.62
CA PHE C 46 2.84 8.69 30.27
C PHE C 46 3.36 9.40 31.52
N SER C 47 4.60 9.85 31.46
CA SER C 47 5.18 10.52 32.60
C SER C 47 5.85 11.83 32.22
N VAL C 48 5.48 12.89 32.95
CA VAL C 48 6.12 14.19 32.84
C VAL C 48 6.92 14.43 34.12
N ARG C 49 8.19 14.79 33.98
CA ARG C 49 9.07 14.92 35.12
C ARG C 49 9.61 16.34 35.33
N SER C 50 9.44 16.86 36.55
CA SER C 50 10.04 18.12 36.96
C SER C 50 11.28 17.74 37.78
N PRO C 51 12.09 18.74 38.16
CA PRO C 51 13.30 18.45 38.92
C PRO C 51 13.06 17.86 40.32
N GLY C 52 11.80 17.80 40.76
CA GLY C 52 11.47 17.16 42.02
C GLY C 52 10.15 16.41 42.04
N GLY C 53 9.61 16.10 40.87
CA GLY C 53 8.35 15.38 40.82
C GLY C 53 8.15 14.68 39.48
N VAL C 54 7.28 13.68 39.46
CA VAL C 54 6.85 13.07 38.22
C VAL C 54 5.34 12.82 38.28
N ALA C 55 4.64 13.15 37.20
CA ALA C 55 3.23 12.79 37.06
C ALA C 55 3.12 11.64 36.07
N GLU C 56 2.33 10.63 36.42
CA GLU C 56 2.13 9.45 35.57
C GLU C 56 0.67 9.35 35.17
N LEU C 57 0.44 9.18 33.87
CA LEU C 57 -0.90 9.30 33.32
C LEU C 57 -1.30 8.03 32.58
N TYR C 58 -2.50 7.53 32.89
CA TYR C 58 -3.03 6.30 32.35
C TYR C 58 -4.31 6.57 31.57
N GLY C 59 -4.65 5.66 30.67
CA GLY C 59 -5.89 5.75 29.91
C GLY C 59 -5.64 5.66 28.42
N GLY C 60 -6.66 5.25 27.68
CA GLY C 60 -6.52 5.10 26.24
C GLY C 60 -7.64 5.79 25.51
N GLU C 61 -8.34 6.67 26.23
CA GLU C 61 -9.52 7.36 25.70
C GLU C 61 -9.54 8.81 26.18
N ALA C 62 -9.47 9.76 25.25
CA ALA C 62 -9.52 11.17 25.60
C ALA C 62 -10.92 11.78 25.43
N ARG C 63 -11.23 12.76 26.26
CA ARG C 63 -12.47 13.52 26.11
C ARG C 63 -12.22 14.54 25.01
N LYS C 64 -10.95 14.94 24.87
CA LYS C 64 -10.60 15.99 23.94
C LYS C 64 -9.12 15.86 23.57
N VAL C 65 -8.81 16.02 22.29
CA VAL C 65 -7.45 16.10 21.81
C VAL C 65 -7.33 17.32 20.88
N GLU C 66 -6.21 18.04 21.00
CA GLU C 66 -6.06 19.33 20.40
C GLU C 66 -4.64 19.49 19.90
N ILE C 67 -4.49 19.87 18.63
CA ILE C 67 -3.20 20.22 18.08
C ILE C 67 -3.22 21.67 17.60
N THR C 68 -2.29 22.48 18.10
CA THR C 68 -2.23 23.89 17.76
C THR C 68 -0.79 24.22 17.43
N GLY C 69 -0.48 24.30 16.15
CA GLY C 69 0.88 24.54 15.72
C GLY C 69 1.77 23.39 16.15
N THR C 70 2.67 23.67 17.08
CA THR C 70 3.63 22.67 17.54
C THR C 70 3.26 22.11 18.92
N SER C 71 2.08 22.46 19.42
CA SER C 71 1.69 22.02 20.74
C SER C 71 0.62 20.93 20.69
N LEU C 72 0.72 19.99 21.60
CA LEU C 72 -0.22 18.87 21.65
C LEU C 72 -0.91 18.87 23.01
N THR C 73 -2.21 18.62 23.01
CA THR C 73 -2.96 18.58 24.25
C THR C 73 -3.88 17.38 24.26
N ILE C 74 -3.83 16.61 25.34
CA ILE C 74 -4.72 15.49 25.54
C ILE C 74 -5.45 15.66 26.85
N GLU C 75 -6.75 15.47 26.83
CA GLU C 75 -7.55 15.71 28.01
C GLU C 75 -8.44 14.53 28.36
N ARG C 76 -8.19 13.93 29.52
CA ARG C 76 -9.16 13.01 30.12
C ARG C 76 -9.92 13.76 31.19
N GLU C 77 -10.89 13.10 31.81
CA GLU C 77 -11.73 13.75 32.81
C GLU C 77 -10.91 14.39 33.93
N ASP C 78 -9.90 13.69 34.42
CA ASP C 78 -9.23 14.20 35.60
C ASP C 78 -7.75 14.39 35.41
N TRP C 79 -7.32 14.43 34.15
CA TRP C 79 -5.96 14.89 33.84
C TRP C 79 -5.80 15.46 32.45
N HIS C 80 -4.87 16.40 32.33
CA HIS C 80 -4.58 17.02 31.05
C HIS C 80 -3.09 16.96 30.84
N LEU C 81 -2.68 16.72 29.60
CA LEU C 81 -1.29 16.72 29.24
C LEU C 81 -1.08 17.76 28.16
N HIS C 82 -0.06 18.60 28.30
CA HIS C 82 0.32 19.53 27.24
C HIS C 82 1.76 19.24 26.85
N CYS C 83 2.04 19.23 25.56
N CYS C 83 2.02 19.24 25.55
CA CYS C 83 3.41 19.00 25.10
CA CYS C 83 3.36 19.01 25.03
C CYS C 83 3.84 19.99 24.01
C CYS C 83 3.77 20.13 24.07
N LYS C 84 5.00 20.61 24.21
CA LYS C 84 5.57 21.53 23.24
C LYS C 84 6.46 20.75 22.30
N LEU C 85 5.88 20.25 21.22
CA LEU C 85 6.54 19.31 20.33
C LEU C 85 7.88 19.81 19.80
N GLU C 86 8.02 21.12 19.73
CA GLU C 86 9.23 21.71 19.15
C GLU C 86 10.46 21.64 20.05
N THR C 87 10.27 21.31 21.33
CA THR C 87 11.40 21.12 22.24
C THR C 87 12.06 19.77 22.03
N VAL C 88 11.33 18.84 21.43
CA VAL C 88 11.82 17.48 21.26
C VAL C 88 12.95 17.41 20.25
N GLU C 89 14.17 17.14 20.73
CA GLU C 89 15.34 17.05 19.85
C GLU C 89 15.56 15.61 19.40
N THR C 90 15.48 14.68 20.34
CA THR C 90 15.62 13.26 20.01
C THR C 90 14.56 12.40 20.70
N VAL C 91 14.18 11.31 20.04
CA VAL C 91 13.28 10.32 20.61
C VAL C 91 14.05 9.03 20.82
N VAL C 92 13.87 8.40 21.98
CA VAL C 92 14.61 7.20 22.31
C VAL C 92 13.70 5.98 22.43
N PHE C 93 13.94 4.98 21.58
CA PHE C 93 13.23 3.70 21.69
C PHE C 93 14.04 2.76 22.56
N ASP C 94 13.59 2.54 23.78
CA ASP C 94 14.34 1.76 24.75
C ASP C 94 13.69 0.43 25.10
N LEU C 95 14.32 -0.66 24.67
CA LEU C 95 13.93 -1.99 25.14
C LEU C 95 15.14 -2.63 25.81
N SER C 96 14.95 -3.11 27.03
CA SER C 96 16.05 -3.64 27.84
C SER C 96 15.53 -4.25 29.14
N PRO C 97 16.33 -5.14 29.75
CA PRO C 97 15.91 -5.79 31.00
C PRO C 97 16.10 -4.88 32.21
N LYS C 98 15.64 -5.33 33.38
CA LYS C 98 15.76 -4.57 34.61
C LYS C 98 16.47 -5.36 35.70
N GLY C 102 12.77 -8.26 34.93
CA GLY C 102 11.73 -7.51 34.26
C GLY C 102 12.12 -7.10 32.85
N ILE C 103 11.34 -6.22 32.25
CA ILE C 103 11.61 -5.75 30.90
C ILE C 103 11.04 -4.36 30.62
N ARG C 104 11.90 -3.47 30.15
CA ARG C 104 11.55 -2.07 29.97
C ARG C 104 11.27 -1.73 28.51
N ALA C 106 10.04 1.51 26.69
CA ALA C 106 9.75 2.93 26.87
C ALA C 106 10.21 3.75 25.69
N VAL C 107 9.38 4.70 25.28
CA VAL C 107 9.76 5.73 24.33
C VAL C 107 9.95 7.03 25.10
N VAL C 108 11.14 7.64 24.97
CA VAL C 108 11.47 8.81 25.78
C VAL C 108 11.80 10.00 24.89
N PHE C 109 11.04 11.07 25.03
CA PHE C 109 11.28 12.29 24.27
C PHE C 109 12.19 13.21 25.07
N ARG C 110 13.28 13.64 24.43
CA ARG C 110 14.32 14.39 25.13
C ARG C 110 14.58 15.72 24.45
N ASP C 111 14.77 16.77 25.25
CA ASP C 111 15.02 18.10 24.71
C ASP C 111 16.45 18.29 24.24
N LYS C 112 16.79 19.55 23.96
CA LYS C 112 18.13 19.95 23.55
C LYS C 112 19.18 19.34 24.46
N HIS C 113 18.96 19.48 25.77
CA HIS C 113 19.96 19.10 26.77
C HIS C 113 19.83 17.64 27.20
N GLN C 114 19.04 16.88 26.46
CA GLN C 114 18.86 15.45 26.72
C GLN C 114 18.02 15.17 27.97
N ALA C 115 17.30 16.19 28.43
CA ALA C 115 16.33 16.00 29.51
C ALA C 115 15.02 15.48 28.94
N PRO C 116 14.40 14.52 29.64
CA PRO C 116 13.12 14.04 29.13
C PRO C 116 12.05 15.10 29.29
N VAL C 117 11.23 15.28 28.26
CA VAL C 117 10.11 16.20 28.34
C VAL C 117 8.83 15.39 28.44
N LEU C 118 8.90 14.14 27.99
CA LEU C 118 7.77 13.21 28.02
C LEU C 118 8.29 11.78 27.88
N ARG C 119 7.64 10.84 28.56
CA ARG C 119 8.05 9.44 28.49
C ARG C 119 6.84 8.53 28.42
N ALA C 120 6.83 7.63 27.45
CA ALA C 120 5.75 6.65 27.35
C ALA C 120 6.28 5.27 27.68
N ALA C 121 5.77 4.67 28.75
CA ALA C 121 6.19 3.32 29.10
C ALA C 121 5.06 2.31 28.90
N TRP C 122 5.37 1.23 28.18
CA TRP C 122 4.39 0.18 27.92
C TRP C 122 4.37 -0.83 29.06
N LEU C 123 3.18 -1.18 29.51
CA LEU C 123 3.04 -2.02 30.69
C LEU C 123 2.41 -3.34 30.32
N PRO C 124 3.18 -4.43 30.44
CA PRO C 124 2.65 -5.74 30.01
C PRO C 124 1.27 -6.02 30.63
N ARG C 125 1.05 -5.63 31.89
N ARG C 125 1.06 -5.62 31.89
CA ARG C 125 -0.22 -5.88 32.54
CA ARG C 125 -0.21 -5.88 32.55
C ARG C 125 -1.38 -5.27 31.77
C ARG C 125 -1.39 -5.18 31.85
N LEU C 126 -1.07 -4.25 30.96
CA LEU C 126 -2.09 -3.56 30.16
C LEU C 126 -2.20 -4.14 28.76
N PRO C 128 -2.12 -7.46 25.91
CA PRO C 128 -2.46 -8.88 25.71
C PRO C 128 -1.23 -9.77 25.90
N GLU C 129 -1.46 -11.02 26.29
CA GLU C 129 -0.37 -11.95 26.55
C GLU C 129 0.35 -12.36 25.27
N THR C 130 -0.40 -12.36 24.17
CA THR C 130 0.13 -12.76 22.87
C THR C 130 -0.31 -11.78 21.77
N PRO C 131 0.64 -11.34 20.93
CA PRO C 131 2.05 -11.75 20.97
C PRO C 131 2.75 -11.23 22.22
N SER C 132 3.95 -11.70 22.50
CA SER C 132 4.69 -11.22 23.68
C SER C 132 4.86 -9.72 23.60
N PRO C 133 4.78 -9.04 24.75
CA PRO C 133 4.93 -7.57 24.83
C PRO C 133 6.13 -7.01 24.07
N PRO C 134 7.33 -7.57 24.26
CA PRO C 134 8.47 -7.05 23.49
C PRO C 134 8.18 -7.06 21.99
N GLU C 135 7.39 -8.03 21.53
CA GLU C 135 7.04 -8.13 20.12
C GLU C 135 6.10 -7.00 19.68
N GLN C 136 5.16 -6.64 20.54
CA GLN C 136 4.19 -5.61 20.21
C GLN C 136 4.86 -4.24 20.18
N PHE C 137 5.85 -4.05 21.04
CA PHE C 137 6.56 -2.77 21.14
C PHE C 137 7.41 -2.56 19.90
N TRP C 138 8.09 -3.62 19.49
CA TRP C 138 8.88 -3.61 18.26
C TRP C 138 7.98 -3.31 17.06
N ALA C 139 6.87 -4.02 16.99
CA ALA C 139 5.92 -3.85 15.90
C ALA C 139 5.48 -2.39 15.78
N PHE C 140 5.35 -1.71 16.91
CA PHE C 140 4.89 -0.32 16.89
C PHE C 140 6.01 0.64 16.57
N THR C 141 7.14 0.48 17.24
CA THR C 141 8.23 1.43 17.08
C THR C 141 8.80 1.40 15.66
N GLN C 142 8.76 0.24 15.03
CA GLN C 142 9.31 0.10 13.68
C GLN C 142 8.61 0.98 12.66
N ARG C 143 7.33 1.31 12.91
CA ARG C 143 6.60 2.20 12.03
C ARG C 143 7.12 3.63 12.14
N TYR C 144 7.99 3.87 13.12
CA TYR C 144 8.54 5.20 13.34
C TYR C 144 10.05 5.22 13.31
N ILE C 145 10.64 4.08 12.94
CA ILE C 145 12.09 3.96 12.95
C ILE C 145 12.71 4.93 11.94
N ASP C 146 11.90 5.35 10.97
CA ASP C 146 12.36 6.23 9.90
C ASP C 146 12.59 7.68 10.32
N LEU C 147 12.00 8.08 11.43
CA LEU C 147 12.23 9.41 11.99
C LEU C 147 13.73 9.64 12.20
N PRO C 148 14.22 10.81 11.79
CA PRO C 148 15.66 11.14 11.90
C PRO C 148 16.08 11.45 13.34
N VAL C 150 15.25 9.70 15.92
CA VAL C 150 15.24 8.47 16.68
C VAL C 150 16.62 7.93 17.07
N VAL C 151 16.68 7.32 18.24
CA VAL C 151 17.89 6.74 18.79
C VAL C 151 17.55 5.30 19.17
N ASP C 152 17.85 4.38 18.27
CA ASP C 152 17.48 2.99 18.43
C ASP C 152 18.28 2.31 19.54
N ALA C 153 17.65 2.11 20.69
CA ALA C 153 18.28 1.42 21.81
C ALA C 153 17.46 0.22 22.25
N ARG C 154 17.00 -0.56 21.28
CA ARG C 154 16.20 -1.74 21.55
C ARG C 154 17.05 -3.01 21.53
N ASN C 155 17.15 -3.67 22.67
CA ASN C 155 17.91 -4.91 22.77
C ASN C 155 17.22 -6.01 21.97
N ARG C 156 17.77 -6.30 20.80
CA ARG C 156 17.12 -7.18 19.83
C ARG C 156 17.16 -8.65 20.25
N GLN C 157 17.90 -8.93 21.33
CA GLN C 157 17.99 -10.29 21.84
C GLN C 157 16.74 -10.62 22.66
N LEU C 158 16.01 -9.58 23.05
CA LEU C 158 14.82 -9.73 23.87
C LEU C 158 13.56 -9.97 23.03
N VAL C 159 13.73 -10.04 21.72
CA VAL C 159 12.62 -10.28 20.80
C VAL C 159 13.08 -10.85 19.46
N PRO D 25 -12.28 -16.02 -14.00
CA PRO D 25 -11.83 -15.61 -15.33
C PRO D 25 -10.77 -14.50 -15.25
N GLY D 26 -11.19 -13.28 -14.92
CA GLY D 26 -10.27 -12.20 -14.63
C GLY D 26 -9.81 -12.32 -13.19
N VAL D 27 -10.56 -13.10 -12.41
CA VAL D 27 -10.20 -13.43 -11.05
C VAL D 27 -8.99 -14.34 -11.05
N THR D 28 -9.04 -15.35 -11.90
CA THR D 28 -7.99 -16.35 -12.01
C THR D 28 -6.62 -15.72 -12.32
N ASP D 29 -6.63 -14.66 -13.10
CA ASP D 29 -5.41 -13.93 -13.45
C ASP D 29 -4.76 -13.26 -12.24
N ARG D 30 -5.55 -12.63 -11.37
CA ARG D 30 -5.02 -11.97 -10.18
C ARG D 30 -4.52 -12.98 -9.13
N ILE D 31 -5.18 -14.13 -9.03
CA ILE D 31 -4.71 -15.20 -8.15
C ILE D 31 -3.28 -15.62 -8.53
N GLY D 32 -3.09 -16.01 -9.79
CA GLY D 32 -1.78 -16.36 -10.31
C GLY D 32 -0.77 -15.25 -10.08
N GLN D 33 -1.16 -14.01 -10.34
CA GLN D 33 -0.25 -12.88 -10.11
C GLN D 33 0.20 -12.81 -8.65
N ILE D 35 0.31 -15.20 -6.31
CA ILE D 35 1.20 -16.32 -6.06
C ILE D 35 2.59 -16.05 -6.62
N LEU D 36 2.65 -15.49 -7.83
CA LEU D 36 3.92 -15.23 -8.48
C LEU D 36 4.70 -14.15 -7.74
N GLU D 37 4.01 -13.09 -7.35
CA GLU D 37 4.64 -12.01 -6.57
C GLU D 37 5.14 -12.53 -5.21
N PHE D 39 5.98 -15.66 -4.42
CA PHE D 39 7.14 -16.46 -4.74
C PHE D 39 8.39 -15.60 -4.96
N ARG D 40 8.25 -14.52 -5.71
CA ARG D 40 9.42 -13.74 -6.09
C ARG D 40 10.02 -12.93 -4.95
N THR D 41 9.29 -12.77 -3.84
CA THR D 41 9.87 -12.10 -2.69
C THR D 41 10.88 -13.02 -2.03
N GLY D 42 10.69 -14.32 -2.20
CA GLY D 42 11.55 -15.30 -1.56
C GLY D 42 11.37 -15.40 -0.04
N CYS D 44 8.53 -16.65 1.41
CA CYS D 44 7.45 -17.58 1.70
C CYS D 44 7.86 -19.03 1.60
N LEU D 45 7.10 -19.87 2.30
CA LEU D 45 7.19 -21.30 2.21
C LEU D 45 5.83 -21.68 1.65
N PHE D 46 5.84 -22.22 0.43
CA PHE D 46 4.63 -22.74 -0.18
C PHE D 46 4.46 -24.18 0.22
N SER D 47 3.27 -24.57 0.62
CA SER D 47 3.11 -25.94 0.99
C SER D 47 1.90 -26.50 0.30
N VAL D 48 2.02 -27.74 -0.14
CA VAL D 48 0.93 -28.46 -0.77
C VAL D 48 0.70 -29.69 0.06
N ARG D 49 -0.57 -29.96 0.33
CA ARG D 49 -0.91 -31.03 1.27
C ARG D 49 -1.88 -32.06 0.72
N SER D 50 -1.47 -33.33 0.78
CA SER D 50 -2.35 -34.44 0.48
C SER D 50 -2.91 -34.99 1.78
N PRO D 51 -3.82 -35.98 1.70
CA PRO D 51 -4.40 -36.61 2.89
C PRO D 51 -3.38 -37.19 3.87
N GLY D 52 -2.15 -37.45 3.41
CA GLY D 52 -1.16 -37.99 4.30
C GLY D 52 0.23 -37.42 4.11
N GLY D 53 0.35 -36.36 3.32
CA GLY D 53 1.67 -35.79 3.11
C GLY D 53 1.63 -34.29 2.95
N VAL D 54 2.78 -33.67 3.10
CA VAL D 54 2.90 -32.27 2.76
C VAL D 54 4.27 -31.99 2.16
N ALA D 55 4.30 -31.19 1.10
CA ALA D 55 5.54 -30.71 0.53
C ALA D 55 5.67 -29.25 0.86
N GLU D 56 6.84 -28.85 1.34
CA GLU D 56 7.11 -27.45 1.67
C GLU D 56 8.19 -26.92 0.75
N LEU D 57 7.89 -25.82 0.07
CA LEU D 57 8.73 -25.34 -1.02
C LEU D 57 9.33 -23.98 -0.70
N TYR D 58 10.63 -23.83 -0.89
CA TYR D 58 11.34 -22.58 -0.57
C TYR D 58 12.08 -22.03 -1.79
N GLY D 59 12.34 -20.73 -1.80
CA GLY D 59 13.05 -20.09 -2.88
C GLY D 59 12.27 -18.92 -3.44
N GLY D 60 12.97 -18.01 -4.11
CA GLY D 60 12.36 -16.80 -4.64
C GLY D 60 12.78 -16.52 -6.08
N GLU D 61 13.33 -17.53 -6.74
CA GLU D 61 13.77 -17.39 -8.12
C GLU D 61 13.51 -18.70 -8.86
N ALA D 62 12.84 -18.62 -10.00
CA ALA D 62 12.50 -19.82 -10.75
C ALA D 62 13.38 -19.95 -11.97
N ARG D 63 13.44 -21.15 -12.54
CA ARG D 63 14.07 -21.37 -13.83
C ARG D 63 13.01 -21.20 -14.91
N LYS D 64 11.77 -21.49 -14.55
CA LYS D 64 10.64 -21.37 -15.45
C LYS D 64 9.38 -20.96 -14.69
N VAL D 65 8.58 -20.11 -15.31
CA VAL D 65 7.24 -19.76 -14.85
C VAL D 65 6.29 -19.88 -16.05
N GLU D 66 5.13 -20.49 -15.84
CA GLU D 66 4.19 -20.70 -16.94
C GLU D 66 2.75 -20.49 -16.49
N ILE D 67 2.01 -19.65 -17.19
CA ILE D 67 0.57 -19.56 -16.99
C ILE D 67 -0.16 -20.06 -18.23
N THR D 68 -0.85 -21.18 -18.11
CA THR D 68 -1.60 -21.75 -19.23
C THR D 68 -3.06 -21.94 -18.82
N GLY D 69 -3.96 -21.18 -19.43
CA GLY D 69 -5.33 -21.14 -18.96
C GLY D 69 -5.30 -20.82 -17.48
N THR D 70 -6.00 -21.63 -16.68
CA THR D 70 -6.00 -21.45 -15.22
C THR D 70 -4.96 -22.32 -14.49
N SER D 71 -3.94 -22.77 -15.21
CA SER D 71 -2.84 -23.48 -14.58
C SER D 71 -1.65 -22.55 -14.47
N LEU D 72 -1.09 -22.50 -13.27
CA LEU D 72 0.16 -21.80 -13.04
C LEU D 72 1.20 -22.85 -12.78
N THR D 73 2.43 -22.63 -13.25
CA THR D 73 3.52 -23.52 -12.94
C THR D 73 4.76 -22.73 -12.57
N ILE D 74 5.42 -23.15 -11.49
CA ILE D 74 6.70 -22.54 -11.12
C ILE D 74 7.75 -23.61 -10.93
N GLU D 75 8.91 -23.42 -11.52
CA GLU D 75 9.95 -24.44 -11.51
C GLU D 75 11.30 -23.91 -11.05
N ARG D 76 11.83 -24.53 -10.02
CA ARG D 76 13.20 -24.31 -9.62
C ARG D 76 14.02 -25.54 -10.03
N GLU D 77 15.31 -25.51 -9.76
CA GLU D 77 16.18 -26.64 -10.08
C GLU D 77 15.61 -27.98 -9.60
N ASP D 78 15.25 -28.08 -8.31
CA ASP D 78 14.84 -29.38 -7.79
C ASP D 78 13.40 -29.45 -7.29
N TRP D 79 12.58 -28.47 -7.64
CA TRP D 79 11.14 -28.59 -7.40
C TRP D 79 10.26 -27.81 -8.38
N HIS D 80 9.07 -28.34 -8.61
CA HIS D 80 8.10 -27.69 -9.46
C HIS D 80 6.79 -27.59 -8.70
N LEU D 81 6.09 -26.49 -8.86
CA LEU D 81 4.76 -26.35 -8.30
C LEU D 81 3.75 -26.15 -9.42
N HIS D 82 2.66 -26.90 -9.39
CA HIS D 82 1.56 -26.73 -10.33
C HIS D 82 0.29 -26.45 -9.53
N CYS D 83 -0.49 -25.47 -9.99
N CYS D 83 -0.50 -25.48 -9.98
CA CYS D 83 -1.74 -25.09 -9.33
CA CYS D 83 -1.75 -25.20 -9.30
C CYS D 83 -2.86 -24.89 -10.34
C CYS D 83 -2.87 -24.86 -10.28
N LYS D 84 -3.98 -25.58 -10.12
CA LYS D 84 -5.17 -25.33 -10.92
C LYS D 84 -5.96 -24.21 -10.25
N LEU D 85 -5.70 -22.99 -10.69
CA LEU D 85 -6.31 -21.79 -10.09
C LEU D 85 -7.83 -21.83 -10.10
N GLU D 86 -8.42 -22.63 -10.99
CA GLU D 86 -9.88 -22.68 -11.07
C GLU D 86 -10.51 -23.41 -9.89
N THR D 87 -9.71 -24.17 -9.15
CA THR D 87 -10.22 -24.85 -7.96
C THR D 87 -10.25 -23.92 -6.76
N VAL D 88 -9.57 -22.78 -6.85
CA VAL D 88 -9.57 -21.83 -5.76
C VAL D 88 -10.92 -21.09 -5.64
N GLU D 89 -11.69 -21.45 -4.62
CA GLU D 89 -12.97 -20.83 -4.37
C GLU D 89 -12.83 -19.60 -3.45
N THR D 90 -11.97 -19.68 -2.44
CA THR D 90 -11.64 -18.51 -1.65
C THR D 90 -10.15 -18.47 -1.29
N VAL D 91 -9.72 -17.31 -0.83
CA VAL D 91 -8.36 -17.08 -0.36
C VAL D 91 -8.46 -16.46 1.03
N VAL D 92 -7.86 -17.09 2.03
CA VAL D 92 -7.88 -16.51 3.37
C VAL D 92 -6.57 -15.81 3.68
N PHE D 93 -6.65 -14.55 4.14
CA PHE D 93 -5.46 -13.88 4.66
C PHE D 93 -5.46 -13.96 6.19
N ASP D 94 -4.45 -14.62 6.73
CA ASP D 94 -4.38 -14.90 8.16
C ASP D 94 -3.20 -14.19 8.77
N LEU D 95 -3.49 -13.26 9.68
CA LEU D 95 -2.47 -12.61 10.47
C LEU D 95 -2.98 -12.68 11.90
N SER D 96 -2.31 -13.49 12.72
CA SER D 96 -2.78 -13.78 14.06
C SER D 96 -1.61 -14.24 14.92
N PRO D 97 -1.79 -14.19 16.24
CA PRO D 97 -0.75 -14.63 17.19
C PRO D 97 -0.81 -16.14 17.39
N LYS D 98 0.35 -16.79 17.44
CA LYS D 98 0.39 -18.22 17.73
C LYS D 98 0.39 -18.46 19.24
N ASP D 99 -0.10 -19.63 19.65
CA ASP D 99 -0.16 -19.99 21.06
C ASP D 99 1.23 -19.93 21.69
N ASN D 100 2.17 -20.65 21.08
CA ASN D 100 3.55 -20.71 21.54
C ASN D 100 4.22 -19.34 21.66
N GLY D 101 3.53 -18.30 21.23
CA GLY D 101 4.15 -16.99 21.11
C GLY D 101 4.72 -16.83 19.71
N GLY D 102 4.41 -15.71 19.07
CA GLY D 102 4.84 -15.44 17.72
C GLY D 102 3.66 -15.08 16.85
N ILE D 103 3.92 -14.76 15.59
CA ILE D 103 2.84 -14.34 14.70
C ILE D 103 2.72 -15.22 13.46
N ARG D 104 1.51 -15.72 13.21
CA ARG D 104 1.21 -16.44 12.00
C ARG D 104 0.88 -15.48 10.85
N ALA D 106 -0.14 -16.10 6.98
CA ALA D 106 -0.41 -17.06 5.93
C ALA D 106 -1.47 -16.64 4.92
N VAL D 107 -1.25 -17.01 3.66
CA VAL D 107 -2.29 -16.93 2.64
C VAL D 107 -2.73 -18.35 2.30
N VAL D 108 -4.00 -18.66 2.51
CA VAL D 108 -4.50 -20.02 2.33
C VAL D 108 -5.52 -20.06 1.18
N PHE D 109 -5.18 -20.81 0.15
CA PHE D 109 -6.01 -20.95 -1.04
C PHE D 109 -6.90 -22.18 -0.85
N ARG D 110 -8.20 -21.97 -0.75
CA ARG D 110 -9.15 -23.03 -0.43
C ARG D 110 -10.02 -23.37 -1.63
N ASP D 111 -10.36 -24.65 -1.76
CA ASP D 111 -11.25 -25.07 -2.83
C ASP D 111 -12.72 -24.98 -2.43
N LYS D 112 -13.56 -25.66 -3.20
CA LYS D 112 -15.01 -25.64 -3.05
C LYS D 112 -15.45 -26.07 -1.66
N HIS D 113 -14.65 -26.91 -1.01
CA HIS D 113 -15.01 -27.46 0.30
C HIS D 113 -14.12 -26.89 1.39
N GLN D 114 -13.66 -25.67 1.17
CA GLN D 114 -12.66 -25.04 2.05
C GLN D 114 -11.48 -25.94 2.44
N ALA D 115 -11.21 -26.99 1.66
CA ALA D 115 -9.97 -27.72 1.81
C ALA D 115 -8.85 -26.93 1.13
N PRO D 116 -7.67 -26.90 1.77
CA PRO D 116 -6.56 -26.10 1.26
C PRO D 116 -5.92 -26.73 0.03
N VAL D 117 -5.79 -25.96 -1.03
CA VAL D 117 -5.15 -26.45 -2.23
C VAL D 117 -3.69 -25.98 -2.30
N LEU D 118 -3.40 -24.91 -1.56
CA LEU D 118 -2.07 -24.32 -1.52
C LEU D 118 -2.01 -23.37 -0.32
N ARG D 119 -0.85 -23.30 0.33
CA ARG D 119 -0.67 -22.38 1.43
C ARG D 119 0.65 -21.71 1.22
N ALA D 120 0.68 -20.40 1.43
CA ALA D 120 1.93 -19.68 1.42
C ALA D 120 2.09 -18.97 2.76
N ALA D 121 3.00 -19.49 3.59
CA ALA D 121 3.31 -18.90 4.87
C ALA D 121 4.53 -17.99 4.74
N TRP D 122 4.44 -16.78 5.27
CA TRP D 122 5.56 -15.84 5.29
C TRP D 122 6.38 -16.06 6.55
N LEU D 123 7.71 -16.07 6.44
CA LEU D 123 8.55 -16.45 7.57
C LEU D 123 9.52 -15.37 7.95
N PRO D 124 9.47 -14.94 9.22
CA PRO D 124 10.28 -13.80 9.67
C PRO D 124 11.75 -13.97 9.33
N ARG D 125 12.28 -15.19 9.44
CA ARG D 125 13.71 -15.40 9.23
C ARG D 125 14.11 -15.14 7.78
N LEU D 126 13.13 -15.18 6.88
CA LEU D 126 13.38 -14.94 5.47
C LEU D 126 13.08 -13.48 5.11
N PRO D 128 13.17 -9.09 5.73
CA PRO D 128 13.94 -7.93 6.22
C PRO D 128 13.42 -7.44 7.58
N GLU D 129 14.28 -6.77 8.33
CA GLU D 129 13.97 -6.31 9.67
C GLU D 129 12.90 -5.23 9.66
N THR D 130 13.07 -4.27 8.76
CA THR D 130 12.18 -3.13 8.64
C THR D 130 11.58 -3.05 7.24
N PRO D 131 10.25 -2.86 7.16
CA PRO D 131 9.35 -2.73 8.31
C PRO D 131 9.16 -4.07 8.99
N SER D 132 8.42 -4.08 10.11
CA SER D 132 8.15 -5.32 10.79
C SER D 132 7.47 -6.30 9.83
N PRO D 133 7.78 -7.59 9.97
CA PRO D 133 7.13 -8.62 9.14
C PRO D 133 5.61 -8.47 9.07
N PRO D 134 4.94 -8.35 10.24
CA PRO D 134 3.47 -8.19 10.17
C PRO D 134 3.06 -7.02 9.31
N GLU D 135 3.89 -5.98 9.26
CA GLU D 135 3.59 -4.78 8.49
C GLU D 135 3.79 -5.07 7.00
N GLN D 136 4.85 -5.79 6.66
CA GLN D 136 5.08 -6.18 5.27
C GLN D 136 3.95 -7.06 4.78
N PHE D 137 3.50 -7.98 5.63
CA PHE D 137 2.42 -8.87 5.27
C PHE D 137 1.16 -8.07 5.05
N TRP D 138 0.82 -7.23 6.02
CA TRP D 138 -0.33 -6.34 5.93
C TRP D 138 -0.29 -5.51 4.65
N ALA D 139 0.85 -4.87 4.41
CA ALA D 139 1.00 -4.04 3.22
C ALA D 139 0.80 -4.86 1.96
N PHE D 140 1.51 -5.99 1.87
CA PHE D 140 1.36 -6.86 0.69
C PHE D 140 -0.08 -7.27 0.45
N THR D 141 -0.73 -7.80 1.49
CA THR D 141 -2.08 -8.33 1.32
C THR D 141 -3.13 -7.22 1.10
N GLN D 142 -2.86 -6.01 1.58
CA GLN D 142 -3.81 -4.90 1.42
C GLN D 142 -4.09 -4.71 -0.08
N ARG D 143 -3.04 -4.88 -0.89
CA ARG D 143 -3.13 -4.75 -2.35
C ARG D 143 -4.12 -5.72 -3.00
N TYR D 144 -4.55 -6.75 -2.29
CA TYR D 144 -5.44 -7.74 -2.85
C TYR D 144 -6.76 -7.85 -2.10
N ILE D 145 -6.90 -7.04 -1.07
CA ILE D 145 -8.08 -7.07 -0.19
C ILE D 145 -9.39 -6.81 -0.91
N ASP D 146 -9.33 -6.04 -1.99
CA ASP D 146 -10.50 -5.73 -2.80
C ASP D 146 -11.08 -6.91 -3.59
N LEU D 147 -10.39 -8.07 -3.61
CA LEU D 147 -10.89 -9.24 -4.34
C LEU D 147 -12.07 -9.94 -3.65
N PRO D 148 -13.18 -10.09 -4.36
CA PRO D 148 -14.43 -10.61 -3.80
C PRO D 148 -14.33 -12.02 -3.23
N VAL D 150 -11.53 -13.04 -1.43
CA VAL D 150 -10.63 -12.94 -0.29
C VAL D 150 -11.40 -12.82 1.01
N VAL D 151 -11.00 -13.61 2.01
CA VAL D 151 -11.54 -13.51 3.35
C VAL D 151 -10.46 -12.85 4.21
N ASP D 152 -10.79 -11.69 4.77
CA ASP D 152 -9.83 -10.97 5.58
C ASP D 152 -9.89 -11.46 7.02
N ALA D 153 -8.92 -12.28 7.38
CA ALA D 153 -8.76 -12.77 8.74
C ALA D 153 -7.46 -12.18 9.31
N ARG D 154 -7.14 -10.97 8.89
CA ARG D 154 -5.96 -10.30 9.41
C ARG D 154 -6.34 -9.53 10.68
N ASN D 155 -5.64 -9.81 11.78
CA ASN D 155 -5.83 -9.05 12.99
C ASN D 155 -5.07 -7.73 12.88
N ARG D 156 -5.77 -6.67 12.51
CA ARG D 156 -5.13 -5.39 12.27
C ARG D 156 -4.44 -4.86 13.52
N GLN D 157 -4.92 -5.29 14.69
CA GLN D 157 -4.34 -4.83 15.93
C GLN D 157 -2.88 -5.29 16.06
N LEU D 158 -2.52 -6.35 15.34
CA LEU D 158 -1.13 -6.82 15.33
C LEU D 158 -0.20 -5.83 14.61
N VAL D 159 -0.74 -5.02 13.69
CA VAL D 159 0.09 -4.03 13.01
C VAL D 159 -0.09 -2.63 13.61
N PHE D 160 -1.34 -2.26 13.87
CA PHE D 160 -1.66 -0.94 14.43
C PHE D 160 -2.42 -1.10 15.74
N PRO D 161 -1.71 -1.26 16.87
CA PRO D 161 -2.46 -1.36 18.13
C PRO D 161 -2.94 0.01 18.63
#